data_7BSA
#
_entry.id   7BSA
#
_cell.length_a   54.381
_cell.length_b   58.572
_cell.length_c   66.661
_cell.angle_alpha   90.000
_cell.angle_beta   90.000
_cell.angle_gamma   90.000
#
_symmetry.space_group_name_H-M   'P 21 21 21'
#
loop_
_entity.id
_entity.type
_entity.pdbx_description
1 polymer 'Cationic trypsin'
2 non-polymer 'CALCIUM ION'
3 non-polymer 2-(5-chloranyl-1~{H}-indol-3-yl)ethanamine
4 non-polymer GLYCEROL
5 water water
#
_entity_poly.entity_id   1
_entity_poly.type   'polypeptide(L)'
_entity_poly.pdbx_seq_one_letter_code
;IVGGYTCGANTVPYQVSLNSGYHFCGGSLINSQWVVSAAHCYKSGIQVRLGEDNINVVEGNEQFISASKSIVHPSYNSNT
LNNDIMLIKLKSAASLNSRVASISLPTSCASAGTQCLISGWGNTKSSGTSYPDVLKCLKAPILSDSSCKSAYPGQITSNM
FCAGYLEGGKDSCQGDSGGPVVCSGKLQGIVSWGSGCAQKNKPGVYTKVCNYVSWIKQTIASN
;
_entity_poly.pdbx_strand_id   A
#
loop_
_chem_comp.id
_chem_comp.type
_chem_comp.name
_chem_comp.formula
6SO non-polymer 2-(5-chloranyl-1~{H}-indol-3-yl)ethanamine 'C10 H11 Cl N2'
CA non-polymer 'CALCIUM ION' 'Ca 2'
GOL non-polymer GLYCEROL 'C3 H8 O3'
#
# COMPACT_ATOMS: atom_id res chain seq x y z
N ILE A 1 -10.54 -3.17 -1.77
CA ILE A 1 -11.13 -1.93 -1.25
C ILE A 1 -12.63 -2.11 -1.12
N VAL A 2 -13.15 -1.96 0.08
CA VAL A 2 -14.58 -2.05 0.37
C VAL A 2 -15.14 -0.64 0.46
N GLY A 3 -16.25 -0.40 -0.24
CA GLY A 3 -16.93 0.89 -0.14
C GLY A 3 -16.25 2.03 -0.86
N GLY A 4 -15.38 1.73 -1.81
CA GLY A 4 -14.67 2.72 -2.60
C GLY A 4 -15.30 2.95 -3.96
N TYR A 5 -14.47 3.38 -4.90
CA TYR A 5 -14.93 3.72 -6.24
C TYR A 5 -13.88 3.28 -7.25
N THR A 6 -14.29 3.15 -8.49
CA THR A 6 -13.36 2.82 -9.55
C THR A 6 -12.47 4.01 -9.82
N CYS A 7 -11.15 3.84 -9.67
CA CYS A 7 -10.25 4.99 -9.78
C CYS A 7 -10.31 5.62 -11.16
N GLY A 8 -10.36 4.81 -12.20
CA GLY A 8 -10.10 5.25 -13.55
C GLY A 8 -8.72 4.81 -13.98
N ALA A 9 -8.60 4.35 -15.23
CA ALA A 9 -7.35 3.75 -15.67
C ALA A 9 -6.18 4.72 -15.56
N ASN A 10 -5.13 4.28 -14.88
CA ASN A 10 -3.85 4.98 -14.78
C ASN A 10 -3.96 6.34 -14.08
N THR A 11 -5.01 6.54 -13.28
CA THR A 11 -5.12 7.76 -12.48
C THR A 11 -4.33 7.70 -11.18
N VAL A 12 -3.77 6.54 -10.84
CA VAL A 12 -2.96 6.34 -9.65
C VAL A 12 -1.64 5.79 -10.15
N PRO A 13 -0.78 6.62 -10.75
CA PRO A 13 0.30 6.10 -11.59
C PRO A 13 1.45 5.47 -10.82
N TYR A 14 1.50 5.66 -9.51
CA TYR A 14 2.49 5.03 -8.64
C TYR A 14 2.03 3.67 -8.12
N GLN A 15 0.78 3.27 -8.35
CA GLN A 15 0.28 2.01 -7.84
C GLN A 15 0.84 0.87 -8.67
N VAL A 16 1.44 -0.10 -7.99
CA VAL A 16 1.91 -1.31 -8.66
C VAL A 16 1.16 -2.53 -8.15
N SER A 17 1.13 -3.56 -8.98
CA SER A 17 0.70 -4.90 -8.61
C SER A 17 1.92 -5.79 -8.52
N LEU A 18 2.05 -6.52 -7.43
CA LEU A 18 3.09 -7.54 -7.30
C LEU A 18 2.49 -8.87 -7.74
N ASN A 19 3.18 -9.55 -8.65
CA ASN A 19 2.65 -10.72 -9.33
C ASN A 19 3.63 -11.87 -9.18
N SER A 20 3.13 -13.02 -8.74
CA SER A 20 3.92 -14.26 -8.67
C SER A 20 3.18 -15.38 -9.40
N GLY A 21 2.71 -15.08 -10.62
CA GLY A 21 1.77 -15.91 -11.34
C GLY A 21 0.34 -15.44 -11.24
N TYR A 22 0.09 -14.47 -10.37
CA TYR A 22 -1.20 -13.91 -9.99
C TYR A 22 -0.89 -12.68 -9.14
N HIS A 23 -1.82 -11.74 -9.13
CA HIS A 23 -1.70 -10.59 -8.24
C HIS A 23 -1.75 -11.07 -6.79
N PHE A 24 -0.84 -10.61 -5.96
CA PHE A 24 -0.90 -10.97 -4.54
C PHE A 24 -0.73 -9.80 -3.59
N CYS A 25 -0.30 -8.63 -4.04
CA CYS A 25 -0.12 -7.49 -3.15
C CYS A 25 0.01 -6.25 -4.00
N GLY A 26 -0.27 -5.10 -3.40
CA GLY A 26 0.06 -3.83 -3.99
C GLY A 26 1.44 -3.35 -3.57
N GLY A 27 1.82 -2.21 -4.13
CA GLY A 27 3.05 -1.52 -3.77
C GLY A 27 3.02 -0.15 -4.40
N SER A 28 4.05 0.62 -4.11
CA SER A 28 4.14 2.02 -4.55
C SER A 28 5.50 2.25 -5.18
N LEU A 29 5.51 2.80 -6.39
CA LEU A 29 6.76 3.13 -7.08
C LEU A 29 7.31 4.42 -6.49
N ILE A 30 8.52 4.38 -5.96
CA ILE A 30 9.12 5.58 -5.35
C ILE A 30 10.27 6.16 -6.16
N ASN A 31 10.83 5.44 -7.12
CA ASN A 31 11.71 5.99 -8.15
C ASN A 31 11.71 4.99 -9.29
N SER A 32 12.53 5.23 -10.31
CA SER A 32 12.49 4.38 -11.48
C SER A 32 12.86 2.94 -11.21
N GLN A 33 13.51 2.64 -10.08
CA GLN A 33 14.03 1.31 -9.83
C GLN A 33 13.51 0.65 -8.55
N TRP A 34 12.70 1.35 -7.76
CA TRP A 34 12.38 0.86 -6.42
C TRP A 34 10.90 1.00 -6.11
N VAL A 35 10.38 -0.04 -5.45
CA VAL A 35 9.00 -0.10 -4.98
C VAL A 35 9.00 -0.31 -3.48
N VAL A 36 8.07 0.36 -2.79
CA VAL A 36 7.82 0.13 -1.37
C VAL A 36 6.54 -0.69 -1.23
N SER A 37 6.59 -1.72 -0.39
CA SER A 37 5.41 -2.54 -0.11
C SER A 37 5.46 -2.93 1.37
N ALA A 38 4.59 -3.85 1.76
CA ALA A 38 4.57 -4.36 3.14
C ALA A 38 5.52 -5.55 3.26
N ALA A 39 6.20 -5.65 4.40
CA ALA A 39 7.00 -6.83 4.66
C ALA A 39 6.19 -8.11 4.66
N HIS A 40 4.91 -8.06 5.07
CA HIS A 40 4.10 -9.27 5.04
C HIS A 40 3.80 -9.74 3.63
N CYS A 41 4.14 -8.94 2.61
CA CYS A 41 4.04 -9.33 1.22
C CYS A 41 5.30 -10.04 0.71
N TYR A 42 6.32 -10.21 1.55
CA TYR A 42 7.56 -10.81 1.07
C TYR A 42 7.33 -12.21 0.51
N LYS A 43 7.94 -12.46 -0.64
CA LYS A 43 8.12 -13.80 -1.20
C LYS A 43 9.18 -13.67 -2.28
N SER A 44 9.70 -14.81 -2.72
CA SER A 44 10.62 -14.78 -3.86
C SER A 44 9.83 -14.83 -5.16
N GLY A 45 10.51 -14.54 -6.27
CA GLY A 45 9.90 -14.64 -7.59
C GLY A 45 8.88 -13.57 -7.89
N ILE A 46 9.13 -12.34 -7.49
CA ILE A 46 8.18 -11.24 -7.69
C ILE A 46 8.41 -10.61 -9.06
N GLN A 47 7.32 -10.43 -9.81
CA GLN A 47 7.32 -9.54 -10.97
C GLN A 47 6.50 -8.31 -10.61
N VAL A 48 7.07 -7.15 -10.81
CA VAL A 48 6.39 -5.89 -10.55
C VAL A 48 5.64 -5.47 -11.81
N ARG A 49 4.36 -5.14 -11.66
CA ARG A 49 3.54 -4.75 -12.79
C ARG A 49 3.09 -3.31 -12.59
N LEU A 50 3.61 -2.44 -13.45
CA LEU A 50 3.36 -1.01 -13.45
C LEU A 50 2.39 -0.68 -14.57
N GLY A 51 1.71 0.46 -14.44
CA GLY A 51 0.82 0.91 -15.49
C GLY A 51 -0.44 0.07 -15.62
N GLU A 52 -0.83 -0.65 -14.58
CA GLU A 52 -1.99 -1.53 -14.64
C GLU A 52 -3.28 -0.79 -14.32
N ASP A 53 -4.34 -1.14 -15.05
CA ASP A 53 -5.70 -0.91 -14.57
C ASP A 53 -6.39 -2.25 -14.39
N ASN A 54 -6.90 -2.85 -15.48
CA ASN A 54 -7.44 -4.20 -15.39
C ASN A 54 -6.27 -5.17 -15.30
N ILE A 55 -6.12 -5.86 -14.16
CA ILE A 55 -4.97 -6.74 -14.00
C ILE A 55 -5.09 -8.06 -14.74
N ASN A 56 -6.24 -8.32 -15.36
CA ASN A 56 -6.44 -9.53 -16.15
C ASN A 56 -6.42 -9.30 -17.65
N VAL A 57 -6.23 -8.07 -18.10
CA VAL A 57 -6.27 -7.75 -19.53
C VAL A 57 -5.09 -6.83 -19.84
N VAL A 58 -4.35 -7.13 -20.91
CA VAL A 58 -3.30 -6.23 -21.36
C VAL A 58 -3.96 -5.07 -22.11
N GLU A 59 -3.85 -3.87 -21.56
CA GLU A 59 -4.55 -2.70 -22.09
C GLU A 59 -3.65 -1.70 -22.78
N GLY A 60 -2.34 -1.79 -22.64
CA GLY A 60 -1.42 -1.02 -23.45
C GLY A 60 -0.49 -0.09 -22.71
N ASN A 61 -0.61 0.07 -21.40
CA ASN A 61 0.28 0.96 -20.66
C ASN A 61 1.11 0.23 -19.62
N GLU A 62 1.08 -1.09 -19.62
CA GLU A 62 1.78 -1.88 -18.62
C GLU A 62 3.28 -1.89 -18.88
N GLN A 63 4.03 -2.01 -17.77
CA GLN A 63 5.42 -2.42 -17.81
C GLN A 63 5.59 -3.54 -16.78
N PHE A 64 6.02 -4.70 -17.23
CA PHE A 64 6.24 -5.85 -16.35
C PHE A 64 7.74 -5.97 -16.18
N ILE A 65 8.23 -5.87 -14.95
CA ILE A 65 9.67 -5.90 -14.67
C ILE A 65 9.91 -6.80 -13.47
N SER A 66 10.76 -7.80 -13.64
CA SER A 66 11.05 -8.72 -12.54
C SER A 66 11.86 -8.01 -11.46
N ALA A 67 11.63 -8.40 -10.21
CA ALA A 67 12.44 -7.88 -9.11
C ALA A 67 13.80 -8.56 -9.10
N SER A 68 14.83 -7.79 -8.80
CA SER A 68 16.16 -8.37 -8.61
C SER A 68 16.46 -8.68 -7.15
N LYS A 69 15.83 -7.96 -6.23
CA LYS A 69 16.09 -8.16 -4.81
C LYS A 69 14.95 -7.54 -4.02
N SER A 70 14.69 -8.12 -2.86
CA SER A 70 13.75 -7.58 -1.89
C SER A 70 14.49 -7.41 -0.57
N ILE A 71 14.15 -6.35 0.15
CA ILE A 71 14.78 -6.04 1.43
C ILE A 71 13.66 -5.79 2.44
N VAL A 72 13.42 -6.75 3.31
CA VAL A 72 12.49 -6.60 4.42
C VAL A 72 13.13 -5.73 5.50
N HIS A 73 12.33 -4.90 6.15
CA HIS A 73 12.86 -4.05 7.19
C HIS A 73 13.62 -4.88 8.22
N PRO A 74 14.78 -4.40 8.70
CA PRO A 74 15.58 -5.22 9.62
C PRO A 74 14.91 -5.53 10.94
N SER A 75 13.86 -4.81 11.32
CA SER A 75 13.17 -5.07 12.57
C SER A 75 11.73 -5.54 12.37
N TYR A 76 11.39 -5.99 11.17
CA TYR A 76 10.04 -6.49 10.94
C TYR A 76 9.74 -7.66 11.87
N ASN A 77 8.58 -7.59 12.53
CA ASN A 77 8.10 -8.69 13.38
C ASN A 77 6.80 -9.18 12.77
N SER A 78 6.80 -10.40 12.25
CA SER A 78 5.62 -10.89 11.56
C SER A 78 4.48 -11.26 12.50
N ASN A 79 4.74 -11.38 13.80
CA ASN A 79 3.65 -11.65 14.74
C ASN A 79 2.86 -10.39 15.07
N THR A 80 3.55 -9.28 15.34
CA THR A 80 2.90 -8.03 15.69
C THR A 80 2.70 -7.11 14.50
N LEU A 81 3.36 -7.39 13.37
CA LEU A 81 3.40 -6.54 12.19
C LEU A 81 4.10 -5.20 12.44
N ASN A 82 4.84 -5.08 13.54
CA ASN A 82 5.66 -3.89 13.71
C ASN A 82 6.72 -3.81 12.62
N ASN A 83 6.90 -2.62 12.04
CA ASN A 83 7.87 -2.38 10.97
C ASN A 83 7.50 -3.15 9.69
N ASP A 84 6.23 -3.08 9.32
CA ASP A 84 5.71 -3.83 8.17
C ASP A 84 6.00 -3.06 6.88
N ILE A 85 7.25 -3.12 6.45
CA ILE A 85 7.70 -2.39 5.27
C ILE A 85 8.81 -3.18 4.60
N MET A 86 8.86 -3.13 3.28
CA MET A 86 9.86 -3.83 2.48
C MET A 86 10.11 -3.03 1.21
N LEU A 87 11.35 -3.08 0.74
CA LEU A 87 11.75 -2.45 -0.51
C LEU A 87 12.01 -3.52 -1.55
N ILE A 88 11.63 -3.25 -2.79
CA ILE A 88 11.83 -4.17 -3.90
C ILE A 88 12.54 -3.39 -5.00
N LYS A 89 13.68 -3.93 -5.47
CA LYS A 89 14.40 -3.31 -6.57
C LYS A 89 14.06 -4.03 -7.88
N LEU A 90 13.84 -3.23 -8.92
CA LEU A 90 13.54 -3.75 -10.25
C LEU A 90 14.81 -4.10 -10.99
N LYS A 91 14.76 -5.16 -11.79
CA LYS A 91 15.92 -5.58 -12.57
C LYS A 91 16.34 -4.54 -13.59
N SER A 92 15.38 -3.74 -14.08
CA SER A 92 15.67 -2.65 -14.99
C SER A 92 14.78 -1.48 -14.58
N ALA A 93 15.22 -0.27 -14.95
CA ALA A 93 14.47 0.92 -14.56
C ALA A 93 13.18 1.01 -15.36
N ALA A 94 12.11 1.38 -14.68
CA ALA A 94 10.86 1.65 -15.37
C ALA A 94 11.00 2.90 -16.23
N SER A 95 10.23 2.95 -17.30
CA SER A 95 10.14 4.13 -18.14
C SER A 95 9.06 5.02 -17.53
N LEU A 96 9.46 6.16 -16.96
CA LEU A 96 8.50 7.00 -16.28
C LEU A 96 7.78 7.91 -17.26
N ASN A 97 6.47 8.01 -17.09
CA ASN A 97 5.61 8.79 -17.96
C ASN A 97 4.39 9.21 -17.12
N SER A 98 3.36 9.76 -17.79
CA SER A 98 2.22 10.28 -17.06
C SER A 98 1.43 9.17 -16.36
N ARG A 99 1.50 7.96 -16.87
CA ARG A 99 0.73 6.84 -16.35
C ARG A 99 1.55 5.91 -15.48
N VAL A 100 2.87 6.05 -15.49
CA VAL A 100 3.78 5.31 -14.62
C VAL A 100 4.70 6.33 -14.00
N ALA A 101 4.51 6.63 -12.72
CA ALA A 101 5.19 7.76 -12.11
C ALA A 101 5.45 7.41 -10.65
N SER A 102 6.55 7.93 -10.11
CA SER A 102 6.84 7.69 -8.71
C SER A 102 6.01 8.62 -7.82
N ILE A 103 5.85 8.21 -6.56
CA ILE A 103 5.20 9.01 -5.53
C ILE A 103 6.27 9.49 -4.56
N SER A 104 6.16 10.75 -4.13
CA SER A 104 7.13 11.33 -3.21
C SER A 104 7.04 10.70 -1.82
N LEU A 105 8.20 10.57 -1.17
CA LEU A 105 8.24 10.20 0.23
C LEU A 105 7.92 11.43 1.07
N PRO A 106 7.38 11.24 2.27
CA PRO A 106 7.04 12.40 3.10
C PRO A 106 8.29 13.06 3.65
N THR A 107 8.18 14.37 3.87
CA THR A 107 9.19 15.09 4.63
C THR A 107 8.78 15.30 6.08
N SER A 108 7.49 15.12 6.38
CA SER A 108 7.00 15.13 7.76
C SER A 108 5.84 14.16 7.84
N CYS A 109 5.56 13.71 9.06
CA CYS A 109 4.43 12.83 9.28
C CYS A 109 3.12 13.60 9.13
N ALA A 110 2.08 12.90 8.69
CA ALA A 110 0.77 13.47 8.55
C ALA A 110 0.03 13.42 9.89
N SER A 111 -0.95 14.30 10.05
CA SER A 111 -1.71 14.41 11.28
C SER A 111 -3.07 13.73 11.13
N ALA A 112 -3.61 13.31 12.27
CA ALA A 112 -4.98 12.86 12.31
C ALA A 112 -5.87 13.92 11.68
N GLY A 113 -6.84 13.46 10.88
CA GLY A 113 -7.72 14.33 10.13
C GLY A 113 -7.30 14.56 8.69
N THR A 114 -6.03 14.32 8.36
CA THR A 114 -5.58 14.44 6.99
C THR A 114 -6.36 13.47 6.11
N GLN A 115 -6.80 13.95 4.94
CA GLN A 115 -7.48 13.11 3.98
C GLN A 115 -6.47 12.44 3.06
N CYS A 116 -6.66 11.14 2.82
CA CYS A 116 -5.74 10.35 2.04
C CYS A 116 -6.49 9.53 1.00
N LEU A 117 -5.74 8.99 0.05
CA LEU A 117 -6.25 8.10 -0.98
C LEU A 117 -5.60 6.74 -0.81
N ILE A 118 -6.43 5.71 -0.65
CA ILE A 118 -6.00 4.33 -0.50
C ILE A 118 -6.48 3.57 -1.71
N SER A 119 -5.64 2.70 -2.28
CA SER A 119 -6.00 2.09 -3.55
C SER A 119 -5.51 0.64 -3.61
N GLY A 120 -6.18 -0.16 -4.44
CA GLY A 120 -5.75 -1.53 -4.63
C GLY A 120 -6.77 -2.36 -5.38
N TRP A 121 -6.37 -3.62 -5.62
CA TRP A 121 -7.16 -4.62 -6.31
C TRP A 121 -7.72 -5.67 -5.35
N GLY A 122 -7.82 -5.34 -4.07
CA GLY A 122 -8.30 -6.29 -3.09
C GLY A 122 -9.81 -6.48 -3.12
N ASN A 123 -10.25 -7.38 -2.24
CA ASN A 123 -11.65 -7.72 -2.09
C ASN A 123 -12.50 -6.47 -1.88
N THR A 124 -13.67 -6.43 -2.52
CA THR A 124 -14.60 -5.31 -2.38
C THR A 124 -15.76 -5.61 -1.44
N LYS A 125 -15.83 -6.78 -0.82
CA LYS A 125 -16.92 -7.12 0.10
C LYS A 125 -16.40 -7.19 1.52
N SER A 126 -17.15 -6.61 2.45
CA SER A 126 -16.84 -6.74 3.86
C SER A 126 -17.25 -8.10 4.40
N SER A 127 -18.28 -8.69 3.81
CA SER A 127 -18.70 -10.06 4.08
C SER A 127 -18.89 -10.72 2.72
N GLY A 128 -18.19 -11.81 2.51
CA GLY A 128 -18.13 -12.42 1.19
C GLY A 128 -16.85 -12.05 0.46
N THR A 129 -16.79 -12.46 -0.80
CA THR A 129 -15.54 -12.32 -1.56
C THR A 129 -15.86 -11.98 -3.01
N SER A 130 -15.32 -10.85 -3.46
CA SER A 130 -15.43 -10.48 -4.87
C SER A 130 -14.23 -9.63 -5.20
N TYR A 131 -13.45 -10.06 -6.15
CA TYR A 131 -12.23 -9.33 -6.48
C TYR A 131 -12.44 -8.56 -7.76
N PRO A 132 -12.15 -7.27 -7.75
CA PRO A 132 -12.30 -6.46 -8.96
C PRO A 132 -11.13 -6.74 -9.88
N ASP A 133 -11.34 -6.43 -11.15
CA ASP A 133 -10.20 -6.50 -12.05
C ASP A 133 -9.54 -5.15 -12.24
N VAL A 134 -10.30 -4.06 -12.08
CA VAL A 134 -9.77 -2.72 -12.22
C VAL A 134 -9.49 -2.12 -10.85
N LEU A 135 -8.62 -1.11 -10.84
CA LEU A 135 -8.12 -0.55 -9.60
C LEU A 135 -9.22 0.21 -8.88
N LYS A 136 -9.34 -0.01 -7.57
CA LYS A 136 -10.32 0.68 -6.73
C LYS A 136 -9.60 1.65 -5.81
N CYS A 137 -10.36 2.69 -5.43
CA CYS A 137 -9.87 3.83 -4.67
C CYS A 137 -10.81 4.12 -3.50
N LEU A 138 -10.25 4.69 -2.44
CA LEU A 138 -11.04 5.11 -1.29
C LEU A 138 -10.39 6.35 -0.69
N LYS A 139 -11.17 7.40 -0.51
CA LYS A 139 -10.71 8.57 0.23
C LYS A 139 -11.08 8.36 1.70
N ALA A 140 -10.10 8.54 2.57
CA ALA A 140 -10.29 8.23 3.98
C ALA A 140 -9.39 9.11 4.82
N PRO A 141 -9.83 9.50 6.02
CA PRO A 141 -8.98 10.29 6.90
C PRO A 141 -8.15 9.43 7.83
N ILE A 142 -6.98 9.97 8.19
CA ILE A 142 -6.19 9.44 9.28
C ILE A 142 -6.93 9.67 10.60
N LEU A 143 -6.99 8.64 11.43
CA LEU A 143 -7.65 8.73 12.72
C LEU A 143 -6.64 9.06 13.82
N SER A 144 -7.16 9.64 14.91
CA SER A 144 -6.32 9.97 16.03
C SER A 144 -5.64 8.72 16.61
N ASP A 145 -4.43 8.91 17.13
CA ASP A 145 -3.73 7.81 17.78
C ASP A 145 -4.56 7.22 18.92
N SER A 146 -5.26 8.08 19.68
CA SER A 146 -6.04 7.57 20.80
C SER A 146 -7.20 6.70 20.32
N SER A 147 -7.88 7.09 19.25
CA SER A 147 -8.96 6.25 18.76
C SER A 147 -8.41 4.96 18.14
N CYS A 148 -7.24 5.04 17.52
CA CYS A 148 -6.61 3.84 16.95
C CYS A 148 -6.28 2.84 18.05
N LYS A 149 -5.63 3.32 19.12
CA LYS A 149 -5.27 2.46 20.24
C LYS A 149 -6.50 1.93 20.94
N SER A 150 -7.55 2.74 21.05
CA SER A 150 -8.78 2.25 21.67
C SER A 150 -9.44 1.17 20.82
N ALA A 151 -9.32 1.27 19.50
CA ALA A 151 -9.91 0.26 18.61
C ALA A 151 -9.17 -1.07 18.70
N TYR A 152 -7.85 -1.03 18.93
CA TYR A 152 -7.01 -2.21 18.91
C TYR A 152 -6.11 -2.19 20.14
N PRO A 153 -6.69 -2.43 21.33
CA PRO A 153 -5.88 -2.37 22.55
C PRO A 153 -4.66 -3.29 22.48
N GLY A 154 -3.52 -2.75 22.90
CA GLY A 154 -2.31 -3.53 23.00
C GLY A 154 -1.63 -3.85 21.69
N GLN A 155 -2.07 -3.28 20.56
CA GLN A 155 -1.58 -3.69 19.26
C GLN A 155 -1.00 -2.58 18.40
N ILE A 156 -1.23 -1.32 18.72
CA ILE A 156 -0.83 -0.22 17.87
C ILE A 156 0.52 0.31 18.36
N THR A 157 1.57 0.17 17.55
CA THR A 157 2.88 0.72 17.90
C THR A 157 3.04 2.10 17.28
N SER A 158 4.14 2.76 17.63
CA SER A 158 4.46 4.06 17.07
C SER A 158 4.76 4.01 15.58
N ASN A 159 4.82 2.81 14.98
CA ASN A 159 5.06 2.64 13.57
C ASN A 159 3.79 2.34 12.79
N MET A 160 2.63 2.58 13.38
CA MET A 160 1.33 2.27 12.80
C MET A 160 0.40 3.46 12.98
N PHE A 161 -0.53 3.62 12.04
CA PHE A 161 -1.66 4.52 12.24
C PHE A 161 -2.91 3.88 11.67
N CYS A 162 -4.05 4.36 12.16
CA CYS A 162 -5.33 3.94 11.65
C CYS A 162 -5.88 5.00 10.70
N ALA A 163 -6.57 4.53 9.66
CA ALA A 163 -7.27 5.42 8.75
C ALA A 163 -8.55 4.75 8.32
N GLY A 164 -9.57 5.56 8.05
CA GLY A 164 -10.84 5.00 7.64
C GLY A 164 -11.99 5.56 8.44
N TYR A 165 -12.94 4.69 8.79
CA TYR A 165 -14.24 5.13 9.29
C TYR A 165 -14.68 4.18 10.38
N LEU A 166 -14.84 4.70 11.60
CA LEU A 166 -15.25 3.84 12.71
C LEU A 166 -16.63 3.27 12.52
N GLU A 167 -17.48 3.90 11.70
CA GLU A 167 -18.81 3.37 11.45
C GLU A 167 -18.78 2.09 10.62
N GLY A 168 -17.68 1.79 9.96
CA GLY A 168 -17.59 0.64 9.09
C GLY A 168 -18.08 0.93 7.68
N GLY A 169 -17.88 -0.04 6.81
CA GLY A 169 -18.35 0.03 5.44
C GLY A 169 -17.32 0.49 4.42
N LYS A 170 -16.21 1.09 4.84
CA LYS A 170 -15.22 1.65 3.92
C LYS A 170 -13.84 1.32 4.46
N ASP A 171 -13.05 0.54 3.71
CA ASP A 171 -11.77 0.07 4.24
C ASP A 171 -10.97 -0.54 3.10
N SER A 172 -9.67 -0.69 3.32
CA SER A 172 -8.90 -1.62 2.50
C SER A 172 -9.18 -3.04 2.97
N CYS A 173 -8.78 -4.03 2.16
CA CYS A 173 -9.13 -5.41 2.44
C CYS A 173 -8.08 -6.36 1.87
N GLN A 174 -8.37 -7.66 1.95
CA GLN A 174 -7.44 -8.68 1.47
C GLN A 174 -7.08 -8.43 0.01
N GLY A 175 -5.79 -8.50 -0.30
CA GLY A 175 -5.32 -8.20 -1.63
C GLY A 175 -4.89 -6.76 -1.84
N ASP A 176 -5.28 -5.86 -0.93
CA ASP A 176 -4.79 -4.49 -0.94
C ASP A 176 -3.46 -4.35 -0.21
N SER A 177 -3.08 -5.37 0.56
CA SER A 177 -1.84 -5.44 1.33
C SER A 177 -0.69 -4.84 0.54
N GLY A 178 0.11 -4.02 1.21
CA GLY A 178 1.31 -3.47 0.60
C GLY A 178 1.07 -2.21 -0.22
N GLY A 179 -0.19 -1.87 -0.50
CA GLY A 179 -0.49 -0.74 -1.34
C GLY A 179 -0.44 0.59 -0.60
N PRO A 180 -0.63 1.65 -1.38
CA PRO A 180 -0.39 3.02 -0.88
C PRO A 180 -1.54 3.65 -0.12
N VAL A 181 -1.14 4.49 0.84
CA VAL A 181 -1.98 5.53 1.44
C VAL A 181 -1.26 6.83 1.13
N VAL A 182 -1.84 7.66 0.26
CA VAL A 182 -1.20 8.89 -0.21
C VAL A 182 -2.01 10.07 0.30
N CYS A 183 -1.32 11.04 0.90
CA CYS A 183 -1.96 12.20 1.50
C CYS A 183 -1.20 13.42 1.02
N SER A 184 -1.91 14.34 0.37
CA SER A 184 -1.31 15.60 -0.08
C SER A 184 -0.07 15.33 -0.93
N GLY A 185 -0.14 14.29 -1.77
CA GLY A 185 0.91 13.97 -2.71
C GLY A 185 2.10 13.23 -2.15
N LYS A 186 2.00 12.72 -0.92
CA LYS A 186 3.11 12.02 -0.25
C LYS A 186 2.63 10.65 0.18
N LEU A 187 3.52 9.65 0.07
CA LEU A 187 3.22 8.31 0.54
C LEU A 187 3.36 8.28 2.06
N GLN A 188 2.24 8.27 2.77
CA GLN A 188 2.29 8.24 4.23
C GLN A 188 2.02 6.88 4.83
N GLY A 189 1.36 5.97 4.11
CA GLY A 189 1.02 4.69 4.69
C GLY A 189 1.12 3.56 3.70
N ILE A 190 1.17 2.34 4.26
CA ILE A 190 1.17 1.09 3.52
C ILE A 190 0.08 0.22 4.14
N VAL A 191 -0.76 -0.37 3.29
CA VAL A 191 -1.81 -1.27 3.78
C VAL A 191 -1.17 -2.41 4.55
N SER A 192 -1.49 -2.52 5.84
CA SER A 192 -0.79 -3.45 6.73
C SER A 192 -1.73 -4.51 7.32
N TRP A 193 -2.70 -4.14 8.16
CA TRP A 193 -3.52 -5.16 8.82
C TRP A 193 -4.79 -4.52 9.35
N GLY A 194 -5.66 -5.36 9.88
CA GLY A 194 -6.87 -4.93 10.58
C GLY A 194 -7.62 -6.16 11.03
N SER A 195 -8.77 -5.93 11.66
CA SER A 195 -9.66 -7.04 12.05
C SER A 195 -10.74 -7.15 10.99
N GLY A 196 -10.64 -8.17 10.13
CA GLY A 196 -11.54 -8.18 9.00
C GLY A 196 -11.35 -6.92 8.17
N CYS A 197 -12.40 -6.55 7.44
CA CYS A 197 -12.40 -5.34 6.63
C CYS A 197 -13.72 -4.61 6.80
N ALA A 198 -13.65 -3.29 6.92
CA ALA A 198 -14.82 -2.44 6.95
C ALA A 198 -15.75 -2.76 8.12
N GLN A 199 -15.22 -3.34 9.19
CA GLN A 199 -16.02 -3.66 10.36
C GLN A 199 -16.14 -2.46 11.28
N LYS A 200 -17.30 -2.32 11.92
CA LYS A 200 -17.50 -1.22 12.85
C LYS A 200 -16.43 -1.22 13.93
N ASN A 201 -15.88 -0.05 14.23
CA ASN A 201 -14.90 0.15 15.29
C ASN A 201 -13.56 -0.51 15.03
N LYS A 202 -13.33 -1.00 13.82
CA LYS A 202 -12.09 -1.69 13.46
C LYS A 202 -11.54 -1.09 12.16
N PRO A 203 -10.97 0.11 12.22
CA PRO A 203 -10.44 0.74 11.01
C PRO A 203 -9.20 0.01 10.54
N GLY A 204 -8.82 0.27 9.29
CA GLY A 204 -7.57 -0.26 8.79
C GLY A 204 -6.37 0.32 9.50
N VAL A 205 -5.35 -0.53 9.64
CA VAL A 205 -4.06 -0.16 10.23
C VAL A 205 -3.01 -0.16 9.12
N TYR A 206 -2.15 0.85 9.16
CA TYR A 206 -1.22 1.18 8.09
C TYR A 206 0.17 1.42 8.66
N THR A 207 1.19 0.99 7.92
CA THR A 207 2.56 1.27 8.31
C THR A 207 2.82 2.77 8.16
N LYS A 208 3.46 3.37 9.17
CA LYS A 208 3.69 4.81 9.22
C LYS A 208 4.98 5.13 8.47
N VAL A 209 4.86 5.40 7.17
CA VAL A 209 6.01 5.53 6.27
C VAL A 209 6.99 6.62 6.71
N CYS A 210 6.48 7.72 7.27
CA CYS A 210 7.38 8.82 7.63
C CYS A 210 8.47 8.38 8.61
N ASN A 211 8.25 7.32 9.39
CA ASN A 211 9.28 6.85 10.31
C ASN A 211 10.42 6.14 9.59
N TYR A 212 10.25 5.82 8.32
CA TYR A 212 11.18 4.96 7.58
C TYR A 212 11.94 5.68 6.49
N VAL A 213 11.77 7.00 6.33
CA VAL A 213 12.36 7.67 5.19
C VAL A 213 13.87 7.57 5.21
N SER A 214 14.49 7.73 6.39
CA SER A 214 15.95 7.63 6.45
C SER A 214 16.42 6.23 6.05
N TRP A 215 15.74 5.20 6.56
CA TRP A 215 16.09 3.83 6.17
C TRP A 215 15.89 3.62 4.67
N ILE A 216 14.78 4.11 4.12
CA ILE A 216 14.54 3.93 2.68
C ILE A 216 15.67 4.57 1.88
N LYS A 217 15.97 5.84 2.18
CA LYS A 217 16.96 6.57 1.39
C LYS A 217 18.33 5.94 1.51
N GLN A 218 18.73 5.55 2.72
CA GLN A 218 20.06 4.96 2.87
C GLN A 218 20.13 3.59 2.22
N THR A 219 19.06 2.81 2.30
CA THR A 219 19.06 1.50 1.67
C THR A 219 19.17 1.64 0.16
N ILE A 220 18.38 2.53 -0.42
CA ILE A 220 18.45 2.73 -1.86
C ILE A 220 19.84 3.20 -2.28
N ALA A 221 20.45 4.10 -1.50
CA ALA A 221 21.75 4.67 -1.86
C ALA A 221 22.86 3.63 -1.92
N SER A 222 22.69 2.47 -1.28
CA SER A 222 23.74 1.46 -1.22
C SER A 222 23.32 0.14 -1.85
N ASN A 223 22.22 0.09 -2.57
CA ASN A 223 21.74 -1.15 -3.18
C ASN A 223 21.33 -0.94 -4.61
CA CA B . -3.60 -4.82 -17.56
C1 6SO C . -7.54 -9.99 4.84
C1 6SO C . -7.33 -10.12 5.29
C2 6SO C . -6.23 -9.70 4.58
C2 6SO C . -6.11 -9.75 4.79
C3 6SO C . -5.77 -8.44 4.94
C3 6SO C . -5.70 -8.43 4.97
C7 6SO C . -5.79 -6.31 5.80
C7 6SO C . -5.77 -6.23 5.61
C8 6SO C . -4.54 -6.61 5.32
C8 6SO C . -4.60 -6.49 4.97
C9 6SO C . -6.22 -5.03 6.45
C9 6SO C . -6.22 -4.94 6.21
C10 6SO C . -7.34 -4.31 5.72
C10 6SO C . -7.27 -4.20 5.40
CL 6SO C . -10.02 -9.51 5.79
CL 6SO C . -9.67 -9.71 6.57
C6 6SO C . -8.37 -9.06 5.47
C6 6SO C . -8.13 -9.18 5.94
C5 6SO C . -7.93 -7.81 5.84
C5 6SO C . -7.76 -7.87 6.14
C4 6SO C . -6.59 -7.48 5.57
C4 6SO C . -6.50 -7.48 5.63
N2 6SO C . -7.59 -3.02 6.38
N2 6SO C . -7.64 -2.95 6.07
N1 6SO C . -4.52 -7.87 4.80
N1 6SO C . -4.56 -7.80 4.57
H1 6SO C . -7.89 -10.84 4.61
H1 6SO C . -7.64 -10.99 5.19
H2 6SO C . -5.67 -10.32 4.15
H2 6SO C . -5.56 -10.37 4.35
H3 6SO C . -3.79 -6.03 5.33
H3 6SO C . -3.91 -5.86 4.83
H4 6SO C . -5.46 -4.43 6.51
H4 6SO C . -5.45 -4.36 6.33
H5 6SO C . -6.52 -5.23 7.35
H5 6SO C . -6.60 -5.12 7.10
H6 6SO C . -8.16 -4.86 5.74
H6 6SO C . -8.06 -4.76 5.28
H7 6SO C . -7.10 -4.16 4.78
H7 6SO C . -6.90 -3.99 4.51
H8 6SO C . -8.49 -7.20 6.25
H8 6SO C . -8.30 -7.26 6.59
H9 6SO C . -7.54 -3.09 7.26
H9 6SO C . -7.87 -3.12 6.91
H10 6SO C . -8.38 -2.68 6.16
H10 6SO C . -8.32 -2.55 5.67
H12 6SO C . -3.82 -8.27 4.44
H12 6SO C . -3.89 -8.18 4.14
C1 GOL D . -0.31 -11.30 2.14
O1 GOL D . -1.10 -11.62 3.23
C2 GOL D . 0.12 -12.63 1.49
O2 GOL D . -0.89 -13.19 0.75
C3 GOL D . 1.32 -12.21 0.65
O3 GOL D . 1.67 -13.29 -0.14
H11 GOL D . 0.48 -10.80 2.38
H12 GOL D . -0.78 -10.77 1.49
HO1 GOL D . -1.84 -11.24 3.10
H2 GOL D . 0.34 -13.32 2.14
HO2 GOL D . -1.61 -12.78 0.93
H31 GOL D . 2.03 -11.92 1.25
H32 GOL D . 1.08 -11.42 0.14
HO3 GOL D . 2.53 -13.30 -0.16
C1 GOL E . 13.04 -11.33 -6.29
O1 GOL E . 11.64 -11.48 -6.24
C2 GOL E . 13.64 -12.60 -6.86
O2 GOL E . 13.37 -13.69 -6.08
C3 GOL E . 15.15 -12.30 -6.92
O3 GOL E . 15.53 -12.36 -8.27
H11 GOL E . 13.42 -11.15 -5.42
H12 GOL E . 13.30 -10.58 -6.85
HO1 GOL E . 11.41 -11.80 -6.99
H2 GOL E . 13.27 -12.81 -7.74
HO2 GOL E . 13.10 -14.32 -6.60
H31 GOL E . 15.30 -11.43 -6.52
H32 GOL E . 15.62 -12.93 -6.36
HO3 GOL E . 15.93 -13.10 -8.37
C1 GOL F . 2.71 -6.28 -21.69
O1 GOL F . 2.47 -7.25 -22.65
C2 GOL F . 4.23 -5.87 -21.75
O2 GOL F . 5.03 -6.91 -22.10
C3 GOL F . 4.47 -5.37 -20.31
O3 GOL F . 5.85 -5.19 -20.09
H11 GOL F . 2.51 -6.59 -20.80
H12 GOL F . 2.17 -5.49 -21.83
HO1 GOL F . 1.80 -6.98 -23.10
H2 GOL F . 4.42 -5.20 -22.41
HO2 GOL F . 4.52 -7.55 -22.26
H31 GOL F . 4.07 -6.01 -19.69
H32 GOL F . 3.95 -4.55 -20.19
HO3 GOL F . 6.06 -4.47 -20.49
C1 GOL G . -2.37 -8.46 12.70
O1 GOL G . -2.36 -9.67 11.98
C2 GOL G . -1.59 -8.71 14.00
O2 GOL G . -0.38 -9.34 13.75
C3 GOL G . -1.40 -7.30 14.59
O3 GOL G . -0.96 -7.49 15.90
H11 GOL G . -3.27 -8.17 12.92
H12 GOL G . -1.95 -7.73 12.20
HO1 GOL G . -3.09 -10.08 12.19
H2 GOL G . -2.07 -9.28 14.60
HO2 GOL G . 0.19 -9.04 14.29
H31 GOL G . -2.23 -6.82 14.52
H32 GOL G . -0.77 -6.80 14.04
HO3 GOL G . -0.88 -8.33 16.01
C1 GOL H . 13.93 -10.33 8.49
O1 GOL H . 15.03 -11.07 8.09
C2 GOL H . 14.36 -9.61 9.78
O2 GOL H . 15.21 -8.56 9.52
C3 GOL H . 13.03 -9.18 10.40
O3 GOL H . 13.33 -8.79 11.69
H11 GOL H . 13.16 -10.89 8.67
H12 GOL H . 13.65 -9.68 7.83
HO1 GOL H . 14.72 -11.79 7.76
H2 GOL H . 14.86 -10.19 10.39
HO2 GOL H . 14.76 -7.86 9.50
H31 GOL H . 12.41 -9.93 10.35
H32 GOL H . 12.64 -8.49 9.86
HO3 GOL H . 14.13 -8.49 11.68
#